data_6SC5
#
_entry.id   6SC5
#
_cell.length_a   65.578
_cell.length_b   86.661
_cell.length_c   240.223
_cell.angle_alpha   90.000
_cell.angle_beta   90.000
_cell.angle_gamma   90.000
#
_symmetry.space_group_name_H-M   'I 2 2 2'
#
loop_
_entity.id
_entity.type
_entity.pdbx_description
1 polymer 'E3 ubiquitin-protein ligase RNF31'
2 polymer 'Single domain antibody'
3 non-polymer 'methyl 4-[(2-oxidanylidene-5,6,7,8-tetrahydro-1~{H}-quinolin-3-yl)carbonylamino]but-3-enoate'
4 non-polymer 'ZINC ION'
5 non-polymer 'SULFATE ION'
6 non-polymer 'CHLORIDE ION'
7 water water
#
loop_
_entity_poly.entity_id
_entity_poly.type
_entity_poly.pdbx_seq_one_letter_code
_entity_poly.pdbx_strand_id
1 'polypeptide(L)'
;QECAVCGWALPHNRMQALTSCECTICPDCFRQHFTIALKEKHITDMVCPACGRPDLTDDTQLLSYFSTLDIQLRESLEPD
AYALFHKKLTEGVLMRDPKFLWCAQCSFGFIYEREQLEATCPQCHQTFCVRCKRQWEEQHRGRSCEDFQNWKRMNDPEYQ
AQGLAMYLQENGIDCPKCKFSYALARGGCMHFHCTQCRHQFCSGCYNAFYAKNKCPEPNCRVKKSLHGHHPRDCLFYLRD
WTALRLQKLLQDNNVMFNTEPPAGARAVPGGGCRVIEQKEVPNGLRDEACGKETPAGYAGLCQAHYKEYLVSLINAHSLD
PATLYEVEELETATERYLHVRPQPLAGEDPPAYQARLLQKLTEEVPLGQSIPRRRK
;
A
2 'polypeptide(L)'
;EVQLLESGGGLVQPGGSLRLSCAASGFTFRGYSMAWVRQAPGKGLEWVSTISPIGTYTYYADSVKGRFTISRDNSKNTLY
LQMNSLRAEDTAVYYCAKGSYSRGTPFDYWGQGTLVTVSS
;
B,C
#
loop_
_chem_comp.id
_chem_comp.type
_chem_comp.name
_chem_comp.formula
CL non-polymer 'CHLORIDE ION' 'Cl -1'
L6B non-polymer 'methyl 4-[(2-oxidanylidene-5,6,7,8-tetrahydro-1~{H}-quinolin-3-yl)carbonylamino]but-3-enoate' 'C15 H18 N2 O4'
SO4 non-polymer 'SULFATE ION' 'O4 S -2'
ZN non-polymer 'ZINC ION' 'Zn 2'
#
# COMPACT_ATOMS: atom_id res chain seq x y z
N GLN A 1 6.96 48.22 6.77
CA GLN A 1 5.98 47.62 5.89
C GLN A 1 4.57 48.10 6.21
N GLU A 2 3.69 48.07 5.22
CA GLU A 2 2.30 48.45 5.41
C GLU A 2 1.46 47.87 4.27
N CYS A 3 0.19 47.62 4.57
CA CYS A 3 -0.73 47.09 3.57
C CYS A 3 -0.94 48.10 2.45
N ALA A 4 -0.92 47.61 1.21
CA ALA A 4 -0.89 48.50 0.05
C ALA A 4 -2.25 49.03 -0.38
N VAL A 5 -3.33 48.69 0.33
CA VAL A 5 -4.65 49.17 -0.06
C VAL A 5 -5.25 50.03 1.04
N CYS A 6 -4.82 49.82 2.29
CA CYS A 6 -5.34 50.57 3.42
C CYS A 6 -4.27 51.26 4.25
N GLY A 7 -2.99 51.00 3.98
CA GLY A 7 -1.91 51.68 4.66
C GLY A 7 -1.60 51.22 6.06
N TRP A 8 -2.34 50.23 6.58
CA TRP A 8 -2.13 49.77 7.95
C TRP A 8 -0.70 49.30 8.15
N ALA A 9 0.03 49.98 9.03
CA ALA A 9 1.40 49.59 9.35
C ALA A 9 1.40 48.23 10.04
N LEU A 10 2.16 47.29 9.50
CA LEU A 10 2.16 45.92 9.99
C LEU A 10 3.47 45.27 9.61
N PRO A 11 4.04 44.40 10.45
CA PRO A 11 5.24 43.66 10.04
C PRO A 11 4.97 42.77 8.84
N HIS A 12 6.05 42.37 8.17
CA HIS A 12 5.92 41.62 6.92
C HIS A 12 5.25 40.27 7.15
N ASN A 13 5.59 39.61 8.27
CA ASN A 13 5.05 38.28 8.52
C ASN A 13 3.56 38.30 8.86
N ARG A 14 3.02 39.46 9.23
CA ARG A 14 1.61 39.57 9.60
C ARG A 14 0.72 39.95 8.41
N MET A 15 1.28 40.04 7.21
CA MET A 15 0.51 40.35 6.00
C MET A 15 0.71 39.25 4.97
N GLN A 16 -0.15 39.27 3.96
CA GLN A 16 -0.09 38.30 2.88
C GLN A 16 0.70 38.88 1.73
N ALA A 17 1.82 38.23 1.38
CA ALA A 17 2.66 38.65 0.28
C ALA A 17 2.17 37.96 -0.99
N LEU A 18 1.55 38.72 -1.89
CA LEU A 18 1.06 38.15 -3.14
C LEU A 18 2.24 37.64 -3.97
N THR A 19 2.27 36.34 -4.20
CA THR A 19 3.43 35.73 -4.87
C THR A 19 3.66 36.29 -6.26
N SER A 20 2.63 36.86 -6.89
CA SER A 20 2.80 37.40 -8.24
C SER A 20 3.38 38.82 -8.20
N CYS A 21 2.56 39.79 -7.75
CA CYS A 21 2.93 41.19 -7.76
C CYS A 21 3.74 41.62 -6.55
N GLU A 22 3.83 40.78 -5.52
CA GLU A 22 4.60 41.08 -4.30
C GLU A 22 4.10 42.34 -3.61
N CYS A 23 2.79 42.52 -3.59
CA CYS A 23 2.16 43.58 -2.80
C CYS A 23 1.75 43.03 -1.45
N THR A 24 2.14 43.71 -0.39
CA THR A 24 1.80 43.28 0.97
C THR A 24 0.40 43.79 1.32
N ILE A 25 -0.46 42.86 1.73
CA ILE A 25 -1.87 43.16 1.99
C ILE A 25 -2.24 42.56 3.34
N CYS A 26 -2.93 43.35 4.18
CA CYS A 26 -3.36 42.86 5.47
C CYS A 26 -4.35 41.71 5.31
N PRO A 27 -4.50 40.87 6.34
CA PRO A 27 -5.45 39.76 6.23
C PRO A 27 -6.89 40.20 6.01
N ASP A 28 -7.28 41.35 6.55
CA ASP A 28 -8.67 41.80 6.43
C ASP A 28 -9.00 42.24 5.01
N CYS A 29 -8.15 43.08 4.43
CA CYS A 29 -8.41 43.56 3.08
C CYS A 29 -8.22 42.46 2.04
N PHE A 30 -7.27 41.54 2.28
CA PHE A 30 -7.14 40.37 1.42
C PHE A 30 -8.41 39.54 1.46
N ARG A 31 -8.90 39.25 2.66
CA ARG A 31 -10.08 38.41 2.80
C ARG A 31 -11.33 39.08 2.24
N GLN A 32 -11.45 40.40 2.44
CA GLN A 32 -12.67 41.09 2.01
C GLN A 32 -12.71 41.25 0.49
N HIS A 33 -11.58 41.58 -0.13
CA HIS A 33 -11.58 41.87 -1.56
C HIS A 33 -11.82 40.62 -2.40
N PHE A 34 -11.36 39.46 -1.95
CA PHE A 34 -11.48 38.26 -2.75
C PHE A 34 -12.81 37.53 -2.56
N THR A 35 -13.49 37.75 -1.43
CA THR A 35 -14.81 37.15 -1.25
C THR A 35 -15.89 37.95 -1.95
N ILE A 36 -15.74 39.29 -2.03
CA ILE A 36 -16.71 40.09 -2.77
C ILE A 36 -16.60 39.81 -4.26
N ALA A 37 -15.40 39.50 -4.75
CA ALA A 37 -15.24 39.17 -6.16
C ALA A 37 -15.85 37.82 -6.50
N LEU A 38 -15.88 36.90 -5.55
CA LEU A 38 -16.52 35.60 -5.76
C LEU A 38 -18.03 35.71 -5.69
N LYS A 39 -18.55 36.50 -4.75
CA LYS A 39 -19.98 36.56 -4.52
C LYS A 39 -20.70 37.60 -5.39
N GLU A 40 -19.98 38.57 -5.94
CA GLU A 40 -20.62 39.62 -6.73
C GLU A 40 -19.92 39.95 -8.04
N LYS A 41 -18.60 39.80 -8.14
CA LYS A 41 -17.91 40.04 -9.41
C LYS A 41 -17.75 38.73 -10.17
N HIS A 42 -16.75 38.65 -11.03
CA HIS A 42 -16.47 37.44 -11.80
C HIS A 42 -15.07 36.94 -11.48
N ILE A 43 -14.73 35.77 -12.03
CA ILE A 43 -13.47 35.12 -11.71
C ILE A 43 -12.29 35.95 -12.20
N THR A 44 -12.45 36.66 -13.30
CA THR A 44 -11.38 37.50 -13.83
C THR A 44 -11.10 38.71 -12.94
N ASP A 45 -12.00 39.06 -12.02
CA ASP A 45 -11.83 40.20 -11.15
C ASP A 45 -10.98 39.91 -9.93
N MET A 46 -10.46 38.69 -9.79
CA MET A 46 -9.68 38.30 -8.61
C MET A 46 -8.20 38.64 -8.78
N VAL A 47 -7.92 39.83 -9.31
CA VAL A 47 -6.55 40.33 -9.38
C VAL A 47 -6.23 40.98 -8.04
N CYS A 48 -5.01 41.48 -7.88
CA CYS A 48 -4.65 42.15 -6.65
C CYS A 48 -5.54 43.38 -6.46
N PRO A 49 -5.86 43.76 -5.22
CA PRO A 49 -6.67 44.96 -5.01
C PRO A 49 -5.88 46.26 -5.09
N ALA A 50 -4.61 46.22 -4.68
CA ALA A 50 -3.73 47.38 -4.79
C ALA A 50 -3.35 47.61 -6.24
N CYS A 51 -2.51 46.75 -6.81
CA CYS A 51 -2.20 46.82 -8.22
C CYS A 51 -3.20 45.95 -8.99
N GLY A 52 -3.43 46.30 -10.26
CA GLY A 52 -4.41 45.56 -11.06
C GLY A 52 -3.82 44.34 -11.73
N ARG A 53 -2.76 43.78 -11.16
CA ARG A 53 -2.08 42.66 -11.79
C ARG A 53 -2.73 41.31 -11.49
N LEU A 62 -2.75 32.62 -16.70
CA LEU A 62 -4.09 32.60 -16.13
C LEU A 62 -4.26 31.43 -15.16
N LEU A 63 -3.78 30.26 -15.56
CA LEU A 63 -3.95 29.05 -14.76
C LEU A 63 -2.88 28.90 -13.68
N SER A 64 -1.66 29.37 -13.93
CA SER A 64 -0.63 29.34 -12.90
C SER A 64 -0.91 30.37 -11.82
N TYR A 65 -1.50 31.50 -12.19
CA TYR A 65 -1.91 32.51 -11.20
C TYR A 65 -2.90 31.91 -10.21
N PHE A 66 -3.97 31.28 -10.73
CA PHE A 66 -4.95 30.66 -9.85
C PHE A 66 -4.35 29.53 -9.04
N SER A 67 -3.40 28.79 -9.63
CA SER A 67 -2.75 27.70 -8.91
C SER A 67 -2.01 28.22 -7.68
N THR A 68 -1.30 29.34 -7.82
CA THR A 68 -0.62 29.94 -6.67
C THR A 68 -1.59 30.70 -5.78
N LEU A 69 -2.56 31.41 -6.37
CA LEU A 69 -3.52 32.16 -5.57
C LEU A 69 -4.37 31.24 -4.72
N ASP A 70 -4.65 30.03 -5.20
CA ASP A 70 -5.46 29.08 -4.43
C ASP A 70 -4.86 28.81 -3.06
N ILE A 71 -3.53 28.82 -2.96
CA ILE A 71 -2.88 28.57 -1.69
C ILE A 71 -3.25 29.65 -0.67
N GLN A 72 -3.00 30.91 -1.03
CA GLN A 72 -3.30 32.01 -0.10
C GLN A 72 -4.80 32.18 0.09
N LEU A 73 -5.60 31.81 -0.91
CA LEU A 73 -7.05 31.87 -0.74
C LEU A 73 -7.55 30.85 0.26
N ARG A 74 -6.87 29.69 0.35
CA ARG A 74 -7.32 28.64 1.26
C ARG A 74 -7.15 29.05 2.71
N GLU A 75 -6.03 29.73 3.03
CA GLU A 75 -5.76 30.09 4.41
C GLU A 75 -6.59 31.27 4.88
N SER A 76 -6.90 32.21 3.98
CA SER A 76 -7.55 33.45 4.39
C SER A 76 -9.08 33.39 4.29
N LEU A 77 -9.60 32.72 3.27
CA LEU A 77 -11.03 32.74 3.02
C LEU A 77 -11.77 31.79 3.97
N GLU A 78 -13.09 31.91 3.97
CA GLU A 78 -13.99 31.05 4.72
C GLU A 78 -14.32 29.79 3.91
N PRO A 79 -14.79 28.72 4.56
CA PRO A 79 -15.09 27.49 3.82
C PRO A 79 -16.08 27.69 2.67
N ASP A 80 -17.19 28.39 2.91
CA ASP A 80 -18.15 28.61 1.84
C ASP A 80 -17.60 29.55 0.77
N ALA A 81 -16.71 30.46 1.15
CA ALA A 81 -16.08 31.32 0.15
C ALA A 81 -15.04 30.53 -0.66
N TYR A 82 -14.31 29.63 0.00
CA TYR A 82 -13.36 28.79 -0.71
C TYR A 82 -14.06 27.84 -1.66
N ALA A 83 -15.27 27.40 -1.32
CA ALA A 83 -16.02 26.52 -2.21
C ALA A 83 -16.53 27.26 -3.44
N LEU A 84 -16.94 28.52 -3.27
CA LEU A 84 -17.37 29.31 -4.42
C LEU A 84 -16.21 29.58 -5.37
N PHE A 85 -14.98 29.63 -4.84
CA PHE A 85 -13.81 29.80 -5.70
C PHE A 85 -13.60 28.58 -6.60
N HIS A 86 -13.71 27.38 -6.04
CA HIS A 86 -13.59 26.17 -6.84
C HIS A 86 -14.77 26.02 -7.79
N LYS A 87 -15.96 26.46 -7.38
CA LYS A 87 -17.12 26.39 -8.24
C LYS A 87 -16.97 27.30 -9.45
N LYS A 88 -16.59 28.56 -9.22
CA LYS A 88 -16.39 29.49 -10.32
C LYS A 88 -15.20 29.10 -11.18
N LEU A 89 -14.15 28.54 -10.55
CA LEU A 89 -13.01 28.05 -11.33
C LEU A 89 -13.44 26.90 -12.25
N THR A 90 -14.25 25.98 -11.75
CA THR A 90 -14.73 24.88 -12.56
C THR A 90 -15.69 25.35 -13.64
N GLU A 91 -16.68 26.17 -13.26
CA GLU A 91 -17.74 26.55 -14.18
C GLU A 91 -17.33 27.69 -15.12
N GLY A 92 -16.24 28.41 -14.81
CA GLY A 92 -15.89 29.57 -15.60
C GLY A 92 -14.60 29.49 -16.38
N VAL A 93 -13.69 28.61 -15.96
CA VAL A 93 -12.35 28.53 -16.52
C VAL A 93 -12.03 27.14 -17.04
N LEU A 94 -12.18 26.12 -16.20
CA LEU A 94 -11.67 24.79 -16.51
C LEU A 94 -12.69 23.86 -17.14
N MET A 95 -13.99 24.10 -16.95
CA MET A 95 -15.08 23.22 -17.39
C MET A 95 -15.01 21.85 -16.72
N ARG A 96 -14.28 21.76 -15.61
CA ARG A 96 -14.07 20.50 -14.89
C ARG A 96 -13.45 20.83 -13.54
N ASP A 97 -13.28 19.80 -12.72
CA ASP A 97 -12.57 19.98 -11.46
C ASP A 97 -11.11 20.29 -11.73
N PRO A 98 -10.50 21.14 -10.91
CA PRO A 98 -9.06 21.38 -11.06
C PRO A 98 -8.26 20.14 -10.66
N LYS A 99 -7.13 19.95 -11.34
CA LYS A 99 -6.24 18.83 -11.03
C LYS A 99 -5.48 19.14 -9.74
N PHE A 100 -5.86 18.45 -8.67
CA PHE A 100 -5.24 18.63 -7.36
C PHE A 100 -4.20 17.54 -7.13
N LEU A 101 -2.97 17.95 -6.83
CA LEU A 101 -1.88 17.02 -6.58
C LEU A 101 -1.47 17.07 -5.12
N TRP A 102 -1.06 15.92 -4.59
CA TRP A 102 -0.54 15.81 -3.24
C TRP A 102 0.95 15.50 -3.31
N CYS A 103 1.76 16.34 -2.68
CA CYS A 103 3.20 16.08 -2.65
C CYS A 103 3.47 14.89 -1.75
N ALA A 104 4.15 13.88 -2.30
CA ALA A 104 4.47 12.69 -1.52
C ALA A 104 5.57 12.94 -0.49
N GLN A 105 6.34 14.01 -0.65
CA GLN A 105 7.46 14.26 0.25
C GLN A 105 7.07 15.11 1.46
N CYS A 106 6.20 16.11 1.28
CA CYS A 106 5.84 17.01 2.36
C CYS A 106 4.34 17.09 2.62
N SER A 107 3.53 16.26 1.96
CA SER A 107 2.09 16.11 2.21
C SER A 107 1.28 17.34 1.84
N PHE A 108 1.87 18.32 1.15
CA PHE A 108 1.15 19.51 0.75
C PHE A 108 0.34 19.24 -0.51
N GLY A 109 -0.85 19.84 -0.58
CA GLY A 109 -1.74 19.69 -1.74
C GLY A 109 -1.85 21.00 -2.49
N PHE A 110 -1.84 20.91 -3.81
CA PHE A 110 -1.84 22.11 -4.64
C PHE A 110 -2.40 21.80 -6.01
N ILE A 111 -2.98 22.83 -6.64
CA ILE A 111 -3.50 22.73 -8.00
C ILE A 111 -2.34 22.78 -8.97
N TYR A 112 -2.35 21.89 -9.96
CA TYR A 112 -1.32 21.84 -10.99
C TYR A 112 -1.99 21.64 -12.33
N GLU A 113 -1.97 22.67 -13.17
CA GLU A 113 -2.67 22.66 -14.46
C GLU A 113 -1.73 22.91 -15.62
N ARG A 114 -0.47 22.49 -15.50
CA ARG A 114 0.52 22.70 -16.54
C ARG A 114 0.76 21.42 -17.34
N GLU A 115 1.41 21.60 -18.49
CA GLU A 115 1.60 20.50 -19.44
C GLU A 115 2.70 19.53 -19.00
N GLN A 116 3.67 20.01 -18.23
CA GLN A 116 4.85 19.21 -17.92
C GLN A 116 4.50 18.05 -17.00
N LEU A 117 5.21 16.94 -17.18
CA LEU A 117 5.03 15.77 -16.35
C LEU A 117 5.77 15.85 -15.02
N GLU A 118 6.51 16.94 -14.79
CA GLU A 118 7.23 17.17 -13.55
C GLU A 118 6.65 18.39 -12.87
N ALA A 119 6.12 18.21 -11.67
CA ALA A 119 5.54 19.30 -10.89
C ALA A 119 6.45 19.65 -9.72
N THR A 120 6.62 20.95 -9.48
CA THR A 120 7.39 21.45 -8.35
C THR A 120 6.43 21.77 -7.21
N CYS A 121 6.69 21.20 -6.05
CA CYS A 121 5.84 21.45 -4.89
C CYS A 121 5.99 22.91 -4.46
N PRO A 122 4.89 23.66 -4.33
CA PRO A 122 4.99 25.04 -3.84
C PRO A 122 5.41 25.14 -2.38
N GLN A 123 5.42 24.03 -1.64
CA GLN A 123 5.75 24.03 -0.23
C GLN A 123 7.22 23.65 0.01
N CYS A 124 7.61 22.45 -0.41
CA CYS A 124 8.97 21.97 -0.20
C CYS A 124 9.87 22.18 -1.42
N HIS A 125 9.33 22.75 -2.50
CA HIS A 125 10.11 23.13 -3.69
C HIS A 125 10.84 21.95 -4.33
N GLN A 126 10.35 20.74 -4.08
CA GLN A 126 10.90 19.54 -4.69
C GLN A 126 10.04 19.12 -5.87
N THR A 127 10.67 18.54 -6.87
CA THR A 127 10.01 18.18 -8.12
C THR A 127 9.75 16.68 -8.17
N PHE A 128 8.57 16.31 -8.67
CA PHE A 128 8.18 14.92 -8.75
C PHE A 128 7.39 14.67 -10.04
N CYS A 129 7.40 13.42 -10.49
CA CYS A 129 6.61 13.02 -11.64
C CYS A 129 5.14 13.00 -11.29
N VAL A 130 4.30 13.66 -12.10
CA VAL A 130 2.90 13.84 -11.75
C VAL A 130 2.08 12.55 -11.82
N ARG A 131 2.63 11.48 -12.38
CA ARG A 131 1.90 10.23 -12.49
C ARG A 131 2.40 9.15 -11.55
N CYS A 132 3.71 9.02 -11.35
CA CYS A 132 4.21 8.06 -10.36
C CYS A 132 4.54 8.70 -9.02
N LYS A 133 4.54 10.03 -8.94
CA LYS A 133 4.70 10.80 -7.71
C LYS A 133 6.05 10.58 -7.03
N ARG A 134 6.96 9.85 -7.67
CA ARG A 134 8.31 9.72 -7.14
C ARG A 134 9.09 10.99 -7.43
N GLN A 135 10.17 11.18 -6.66
CA GLN A 135 11.00 12.36 -6.82
C GLN A 135 11.70 12.35 -8.17
N TRP A 136 11.63 13.48 -8.87
CA TRP A 136 12.08 13.53 -10.25
C TRP A 136 13.60 13.49 -10.31
N GLU A 137 14.12 12.64 -11.20
CA GLU A 137 15.54 12.58 -11.53
C GLU A 137 15.70 12.64 -13.04
N GLU A 138 16.92 12.89 -13.49
CA GLU A 138 17.19 12.98 -14.92
C GLU A 138 16.96 11.65 -15.62
N GLN A 139 17.11 10.53 -14.88
CA GLN A 139 16.91 9.22 -15.48
C GLN A 139 15.47 9.01 -15.90
N HIS A 140 14.52 9.71 -15.28
CA HIS A 140 13.12 9.55 -15.64
C HIS A 140 12.77 10.21 -16.97
N ARG A 141 13.63 11.11 -17.46
CA ARG A 141 13.36 11.79 -18.72
C ARG A 141 13.33 10.80 -19.88
N GLY A 142 12.24 10.81 -20.64
CA GLY A 142 12.10 9.90 -21.75
C GLY A 142 11.93 8.44 -21.36
N ARG A 143 11.53 8.17 -20.12
CA ARG A 143 11.38 6.81 -19.64
C ARG A 143 10.04 6.64 -18.96
N SER A 144 9.44 5.46 -19.14
CA SER A 144 8.23 5.12 -18.42
C SER A 144 8.52 5.07 -16.92
N CYS A 145 7.47 5.33 -16.12
CA CYS A 145 7.63 5.31 -14.67
C CYS A 145 8.03 3.93 -14.18
N GLU A 146 7.53 2.87 -14.83
CA GLU A 146 7.92 1.52 -14.44
C GLU A 146 9.39 1.26 -14.72
N ASP A 147 9.89 1.75 -15.86
CA ASP A 147 11.32 1.66 -16.14
C ASP A 147 12.12 2.43 -15.12
N PHE A 148 11.65 3.62 -14.74
CA PHE A 148 12.35 4.42 -13.74
C PHE A 148 12.26 3.78 -12.36
N GLN A 149 11.06 3.31 -11.98
CA GLN A 149 10.91 2.62 -10.71
C GLN A 149 11.78 1.38 -10.64
N ASN A 150 11.91 0.66 -11.76
CA ASN A 150 12.79 -0.50 -11.80
C ASN A 150 14.26 -0.09 -11.75
N TRP A 151 14.60 1.07 -12.30
CA TRP A 151 15.99 1.51 -12.27
C TRP A 151 16.43 1.87 -10.86
N LYS A 152 15.53 2.46 -10.07
CA LYS A 152 15.87 2.80 -8.69
C LYS A 152 15.95 1.56 -7.81
N ARG A 153 15.02 0.62 -8.00
CA ARG A 153 15.02 -0.60 -7.19
C ARG A 153 16.25 -1.45 -7.47
N MET A 154 16.69 -1.51 -8.73
CA MET A 154 17.86 -2.27 -9.11
C MET A 154 19.15 -1.48 -9.01
N ASN A 155 19.10 -0.27 -8.43
CA ASN A 155 20.31 0.47 -8.06
C ASN A 155 20.28 0.86 -6.59
N ASP A 156 19.33 0.35 -5.83
CA ASP A 156 19.30 0.55 -4.38
C ASP A 156 20.25 -0.43 -3.72
N PRO A 157 21.32 0.03 -3.06
CA PRO A 157 22.29 -0.91 -2.49
C PRO A 157 21.69 -1.86 -1.47
N GLU A 158 20.77 -1.38 -0.63
CA GLU A 158 20.18 -2.23 0.40
C GLU A 158 19.23 -3.26 -0.17
N TYR A 159 18.65 -2.99 -1.35
CA TYR A 159 17.85 -4.03 -2.02
C TYR A 159 18.74 -5.12 -2.57
N GLN A 160 19.85 -4.74 -3.22
CA GLN A 160 20.79 -5.73 -3.72
C GLN A 160 21.48 -6.50 -2.61
N ALA A 161 21.69 -5.84 -1.46
CA ALA A 161 22.32 -6.52 -0.34
C ALA A 161 21.46 -7.68 0.18
N GLN A 162 20.15 -7.59 0.00
CA GLN A 162 19.27 -8.69 0.40
C GLN A 162 19.51 -9.92 -0.46
N GLY A 163 19.92 -9.74 -1.72
CA GLY A 163 20.27 -10.87 -2.55
C GLY A 163 19.03 -11.64 -3.01
N LEU A 164 19.17 -12.97 -3.03
CA LEU A 164 18.09 -13.84 -3.49
C LEU A 164 16.93 -13.91 -2.52
N ALA A 165 17.08 -13.36 -1.30
CA ALA A 165 15.97 -13.32 -0.36
C ALA A 165 14.80 -12.54 -0.93
N MET A 166 15.07 -11.51 -1.73
CA MET A 166 14.00 -10.74 -2.36
C MET A 166 13.27 -11.57 -3.40
N TYR A 167 14.01 -12.39 -4.16
CA TYR A 167 13.36 -13.22 -5.17
C TYR A 167 12.45 -14.27 -4.54
N LEU A 168 12.87 -14.83 -3.41
CA LEU A 168 12.04 -15.82 -2.74
C LEU A 168 10.81 -15.18 -2.11
N GLN A 169 10.95 -13.96 -1.59
CA GLN A 169 9.80 -13.27 -1.01
C GLN A 169 8.88 -12.69 -2.07
N GLU A 170 9.42 -12.28 -3.22
CA GLU A 170 8.58 -11.77 -4.30
C GLU A 170 7.64 -12.86 -4.80
N ASN A 171 8.18 -14.05 -5.07
CA ASN A 171 7.35 -15.20 -5.39
C ASN A 171 6.57 -15.61 -4.15
N GLY A 172 5.35 -15.08 -4.01
CA GLY A 172 4.59 -15.25 -2.79
C GLY A 172 3.74 -16.51 -2.77
N ILE A 173 3.11 -16.72 -1.62
CA ILE A 173 2.22 -17.87 -1.40
C ILE A 173 0.79 -17.38 -1.46
N ASP A 174 0.05 -17.85 -2.46
CA ASP A 174 -1.35 -17.48 -2.65
C ASP A 174 -2.23 -18.63 -2.18
N CYS A 175 -3.13 -18.34 -1.24
CA CYS A 175 -4.02 -19.38 -0.74
C CYS A 175 -4.97 -19.82 -1.84
N PRO A 176 -5.05 -21.11 -2.15
CA PRO A 176 -5.95 -21.56 -3.21
C PRO A 176 -7.43 -21.41 -2.86
N LYS A 177 -7.77 -21.20 -1.59
CA LYS A 177 -9.17 -21.11 -1.19
C LYS A 177 -9.65 -19.67 -1.12
N CYS A 178 -8.93 -18.80 -0.42
CA CYS A 178 -9.35 -17.42 -0.21
C CYS A 178 -8.50 -16.41 -0.98
N LYS A 179 -7.54 -16.86 -1.78
CA LYS A 179 -6.68 -16.02 -2.63
C LYS A 179 -5.91 -14.96 -1.86
N PHE A 180 -5.83 -15.06 -0.54
CA PHE A 180 -4.98 -14.16 0.23
C PHE A 180 -3.52 -14.43 -0.10
N SER A 181 -2.78 -13.38 -0.42
CA SER A 181 -1.39 -13.49 -0.85
C SER A 181 -0.45 -13.20 0.32
N TYR A 182 0.55 -14.05 0.49
CA TYR A 182 1.59 -13.87 1.50
C TYR A 182 2.93 -13.71 0.80
N ALA A 183 3.62 -12.61 1.08
CA ALA A 183 4.94 -12.35 0.48
C ALA A 183 6.01 -13.01 1.34
N LEU A 184 6.05 -14.35 1.27
CA LEU A 184 6.93 -15.14 2.11
C LEU A 184 7.57 -16.25 1.29
N ALA A 185 8.77 -16.66 1.71
CA ALA A 185 9.38 -17.85 1.19
C ALA A 185 8.79 -19.08 1.88
N ARG A 186 8.94 -20.24 1.23
CA ARG A 186 8.39 -21.47 1.76
C ARG A 186 9.33 -22.14 2.76
N GLY A 187 10.64 -22.08 2.52
CA GLY A 187 11.57 -22.71 3.43
C GLY A 187 11.54 -24.23 3.30
N GLY A 188 11.55 -24.90 4.45
CA GLY A 188 11.55 -26.36 4.46
C GLY A 188 10.22 -26.96 4.86
N CYS A 189 9.31 -26.12 5.35
CA CYS A 189 7.99 -26.57 5.78
C CYS A 189 6.98 -26.29 4.66
N MET A 190 6.35 -27.36 4.17
CA MET A 190 5.38 -27.24 3.09
C MET A 190 3.95 -27.08 3.56
N HIS A 191 3.64 -27.54 4.78
CA HIS A 191 2.28 -27.51 5.31
C HIS A 191 1.94 -26.08 5.72
N PHE A 192 1.21 -25.38 4.87
CA PHE A 192 0.84 -23.99 5.12
C PHE A 192 -0.54 -23.89 5.76
N HIS A 193 -0.68 -22.94 6.68
CA HIS A 193 -1.94 -22.63 7.33
C HIS A 193 -2.30 -21.19 7.02
N CYS A 194 -3.46 -20.99 6.41
CA CYS A 194 -3.94 -19.65 6.07
C CYS A 194 -4.71 -19.08 7.25
N THR A 195 -4.28 -17.92 7.74
CA THR A 195 -4.93 -17.30 8.89
C THR A 195 -6.34 -16.82 8.57
N GLN A 196 -6.56 -16.36 7.34
CA GLN A 196 -7.85 -15.81 6.98
C GLN A 196 -8.90 -16.89 6.79
N CYS A 197 -8.55 -18.01 6.16
CA CYS A 197 -9.58 -18.98 5.82
C CYS A 197 -9.40 -20.33 6.49
N ARG A 198 -8.30 -20.55 7.21
CA ARG A 198 -8.01 -21.77 7.95
C ARG A 198 -7.75 -22.96 7.04
N HIS A 199 -7.72 -22.77 5.72
CA HIS A 199 -7.43 -23.88 4.81
C HIS A 199 -5.97 -24.26 4.91
N GLN A 200 -5.72 -25.57 4.91
CA GLN A 200 -4.38 -26.13 5.00
C GLN A 200 -4.00 -26.70 3.63
N PHE A 201 -2.87 -26.25 3.10
CA PHE A 201 -2.45 -26.65 1.76
C PHE A 201 -0.94 -26.69 1.71
N CYS A 202 -0.42 -27.30 0.64
CA CYS A 202 1.01 -27.32 0.41
C CYS A 202 1.44 -26.05 -0.31
N SER A 203 2.43 -25.36 0.23
CA SER A 203 2.90 -24.13 -0.38
C SER A 203 3.65 -24.36 -1.68
N GLY A 204 3.99 -25.61 -2.01
CA GLY A 204 4.72 -25.88 -3.23
C GLY A 204 3.84 -26.24 -4.41
N CYS A 205 2.74 -26.93 -4.15
CA CYS A 205 1.86 -27.39 -5.22
C CYS A 205 0.40 -26.99 -5.02
N TYR A 206 0.06 -26.36 -3.89
CA TYR A 206 -1.27 -25.83 -3.60
C TYR A 206 -2.33 -26.92 -3.49
N ASN A 207 -1.92 -28.16 -3.28
CA ASN A 207 -2.87 -29.23 -3.01
C ASN A 207 -3.24 -29.23 -1.53
N ALA A 208 -4.43 -29.75 -1.24
CA ALA A 208 -4.97 -29.67 0.12
C ALA A 208 -4.26 -30.64 1.05
N PHE A 209 -4.02 -30.19 2.28
CA PHE A 209 -3.57 -31.05 3.36
C PHE A 209 -4.80 -31.56 4.09
N TYR A 210 -5.09 -32.85 3.96
CA TYR A 210 -6.33 -33.43 4.44
C TYR A 210 -6.21 -33.89 5.87
N ALA A 211 -7.25 -33.61 6.66
CA ALA A 211 -7.33 -34.10 8.03
C ALA A 211 -7.61 -35.61 8.01
N LYS A 212 -7.81 -36.18 9.19
CA LYS A 212 -7.95 -37.63 9.31
C LYS A 212 -9.21 -38.12 8.61
N ASN A 213 -9.05 -39.09 7.71
CA ASN A 213 -10.14 -39.66 6.90
C ASN A 213 -10.88 -38.61 6.10
N LYS A 214 -10.19 -37.57 5.65
CA LYS A 214 -10.76 -36.59 4.76
C LYS A 214 -10.24 -36.70 3.33
N CYS A 215 -9.18 -37.47 3.11
CA CYS A 215 -8.57 -37.54 1.79
C CYS A 215 -9.45 -38.34 0.85
N PRO A 216 -9.81 -37.80 -0.32
CA PRO A 216 -10.60 -38.55 -1.30
C PRO A 216 -9.78 -39.27 -2.37
N GLU A 217 -8.46 -39.19 -2.31
CA GLU A 217 -7.63 -39.78 -3.36
C GLU A 217 -7.75 -41.30 -3.34
N PRO A 218 -7.85 -41.93 -4.51
CA PRO A 218 -7.97 -43.39 -4.54
C PRO A 218 -6.65 -44.06 -4.18
N ASN A 219 -6.77 -45.24 -3.56
CA ASN A 219 -5.63 -46.06 -3.16
C ASN A 219 -4.72 -45.37 -2.15
N CYS A 220 -5.19 -44.32 -1.51
CA CYS A 220 -4.37 -43.65 -0.49
C CYS A 220 -4.24 -44.54 0.74
N ARG A 221 -3.01 -44.70 1.21
CA ARG A 221 -2.72 -45.60 2.32
C ARG A 221 -2.44 -44.87 3.62
N VAL A 222 -2.68 -43.56 3.68
CA VAL A 222 -2.48 -42.78 4.90
C VAL A 222 -3.73 -41.94 5.15
N LYS A 223 -4.90 -42.50 4.85
CA LYS A 223 -6.15 -41.75 4.98
C LYS A 223 -6.37 -41.27 6.40
N LYS A 224 -6.00 -42.07 7.39
CA LYS A 224 -6.18 -41.71 8.80
C LYS A 224 -5.07 -40.81 9.33
N SER A 225 -4.29 -40.18 8.45
CA SER A 225 -3.21 -39.30 8.87
C SER A 225 -3.30 -37.98 8.14
N LEU A 226 -2.90 -36.91 8.82
CA LEU A 226 -2.78 -35.61 8.17
C LEU A 226 -1.71 -35.70 7.09
N HIS A 227 -2.09 -35.35 5.86
CA HIS A 227 -1.18 -35.52 4.73
C HIS A 227 -1.75 -34.80 3.52
N GLY A 228 -0.90 -34.59 2.53
CA GLY A 228 -1.32 -34.12 1.23
C GLY A 228 -0.71 -34.98 0.14
N HIS A 229 -1.16 -34.74 -1.08
CA HIS A 229 -0.65 -35.43 -2.26
C HIS A 229 0.03 -34.41 -3.17
N HIS A 230 1.21 -34.76 -3.67
CA HIS A 230 2.04 -33.81 -4.38
C HIS A 230 2.43 -34.37 -5.74
N PRO A 231 2.49 -33.52 -6.77
CA PRO A 231 3.08 -33.95 -8.04
C PRO A 231 4.58 -34.13 -7.90
N ARG A 232 5.16 -34.83 -8.88
CA ARG A 232 6.56 -35.23 -8.78
C ARG A 232 7.50 -34.03 -8.83
N ASP A 233 7.06 -32.89 -9.35
CA ASP A 233 7.90 -31.70 -9.40
C ASP A 233 7.58 -30.71 -8.28
N CYS A 234 6.90 -31.14 -7.23
CA CYS A 234 6.65 -30.23 -6.13
C CYS A 234 7.87 -30.14 -5.22
N LEU A 235 8.02 -28.99 -4.57
CA LEU A 235 9.14 -28.80 -3.64
C LEU A 235 9.09 -29.81 -2.50
N PHE A 236 7.91 -30.35 -2.20
CA PHE A 236 7.79 -31.37 -1.16
C PHE A 236 8.71 -32.56 -1.44
N TYR A 237 8.82 -32.95 -2.71
CA TYR A 237 9.70 -34.04 -3.10
C TYR A 237 11.09 -33.54 -3.50
N LEU A 238 11.15 -32.46 -4.27
CA LEU A 238 12.42 -31.99 -4.80
C LEU A 238 13.33 -31.41 -3.73
N ARG A 239 12.79 -31.09 -2.55
CA ARG A 239 13.64 -30.66 -1.44
C ARG A 239 14.54 -31.79 -0.94
N ASP A 240 14.16 -33.05 -1.18
CA ASP A 240 14.99 -34.18 -0.80
C ASP A 240 16.12 -34.43 -1.78
N TRP A 241 16.07 -33.83 -2.97
CA TRP A 241 17.17 -33.92 -3.90
C TRP A 241 18.37 -33.13 -3.39
N THR A 242 19.56 -33.59 -3.75
CA THR A 242 20.75 -32.79 -3.50
C THR A 242 20.72 -31.55 -4.37
N ALA A 243 21.41 -30.50 -3.92
CA ALA A 243 21.56 -29.31 -4.75
C ALA A 243 22.25 -29.65 -6.07
N LEU A 244 23.13 -30.65 -6.06
CA LEU A 244 23.83 -31.05 -7.28
C LEU A 244 22.86 -31.61 -8.31
N ARG A 245 21.97 -32.52 -7.90
CA ARG A 245 21.04 -33.12 -8.84
C ARG A 245 20.00 -32.12 -9.32
N LEU A 246 19.57 -31.21 -8.44
CA LEU A 246 18.69 -30.12 -8.87
C LEU A 246 19.39 -29.25 -9.91
N GLN A 247 20.67 -28.95 -9.69
CA GLN A 247 21.43 -28.18 -10.68
C GLN A 247 21.62 -28.96 -11.97
N LYS A 248 21.69 -30.29 -11.88
CA LYS A 248 21.85 -31.11 -13.09
C LYS A 248 20.61 -31.02 -13.98
N LEU A 249 19.42 -31.06 -13.37
CA LEU A 249 18.20 -30.88 -14.16
C LEU A 249 18.16 -29.51 -14.81
N LEU A 250 18.62 -28.48 -14.09
CA LEU A 250 18.69 -27.14 -14.67
C LEU A 250 19.71 -27.06 -15.80
N GLN A 251 20.88 -27.67 -15.61
CA GLN A 251 21.92 -27.62 -16.63
C GLN A 251 21.50 -28.37 -17.88
N ASP A 252 20.81 -29.50 -17.73
CA ASP A 252 20.38 -30.27 -18.88
C ASP A 252 19.40 -29.52 -19.77
N ASN A 253 18.79 -28.46 -19.25
CA ASN A 253 17.85 -27.64 -20.01
C ASN A 253 18.33 -26.21 -20.18
N ASN A 254 19.63 -25.98 -19.93
CA ASN A 254 20.27 -24.68 -20.16
C ASN A 254 19.58 -23.56 -19.37
N VAL A 255 19.26 -23.83 -18.11
CA VAL A 255 18.70 -22.83 -17.21
C VAL A 255 19.81 -22.40 -16.26
N MET A 256 20.13 -21.10 -16.26
CA MET A 256 21.17 -20.59 -15.40
C MET A 256 20.69 -20.50 -13.96
N PHE A 257 21.65 -20.54 -13.04
CA PHE A 257 21.35 -20.44 -11.62
C PHE A 257 22.56 -19.85 -10.90
N ASN A 258 22.29 -19.14 -9.82
CA ASN A 258 23.36 -18.55 -9.03
C ASN A 258 23.91 -19.54 -8.03
N THR A 259 25.23 -19.53 -7.86
CA THR A 259 25.89 -20.24 -6.78
C THR A 259 26.58 -19.33 -5.79
N GLU A 260 26.99 -18.14 -6.22
CA GLU A 260 27.52 -17.06 -5.40
C GLU A 260 26.45 -16.00 -5.18
N PRO A 261 26.49 -15.29 -4.06
CA PRO A 261 25.54 -14.20 -3.84
C PRO A 261 25.70 -13.12 -4.88
N PRO A 262 24.59 -12.61 -5.44
CA PRO A 262 24.62 -11.56 -6.46
C PRO A 262 25.03 -10.20 -5.88
N GLY A 272 24.45 -16.24 8.43
CA GLY A 272 23.03 -16.15 8.67
C GLY A 272 22.22 -15.82 7.42
N CYS A 273 21.28 -16.70 7.10
CA CYS A 273 20.43 -16.50 5.92
C CYS A 273 19.49 -15.33 6.13
N ARG A 274 19.40 -14.45 5.14
CA ARG A 274 18.66 -13.20 5.25
C ARG A 274 17.20 -13.32 4.84
N VAL A 275 16.71 -14.54 4.60
CA VAL A 275 15.32 -14.70 4.20
C VAL A 275 14.40 -14.40 5.37
N ILE A 276 13.42 -13.53 5.15
CA ILE A 276 12.53 -13.08 6.21
C ILE A 276 11.47 -14.15 6.45
N GLU A 277 11.30 -14.53 7.72
CA GLU A 277 10.25 -15.44 8.16
C GLU A 277 9.38 -14.74 9.19
N GLN A 278 8.24 -15.35 9.49
CA GLN A 278 7.26 -14.79 10.40
C GLN A 278 7.21 -15.63 11.67
N LYS A 279 7.74 -15.08 12.76
CA LYS A 279 7.68 -15.71 14.07
C LYS A 279 6.47 -15.19 14.83
N GLU A 280 5.67 -16.12 15.35
CA GLU A 280 4.49 -15.75 16.12
C GLU A 280 4.90 -15.31 17.52
N VAL A 281 4.53 -14.09 17.89
CA VAL A 281 4.90 -13.50 19.17
C VAL A 281 3.64 -13.04 19.89
N PRO A 282 3.71 -12.63 21.16
CA PRO A 282 2.53 -12.04 21.80
C PRO A 282 1.91 -10.90 21.02
N ASN A 283 2.73 -10.00 20.46
CA ASN A 283 2.25 -8.85 19.71
C ASN A 283 1.91 -9.17 18.25
N GLY A 284 1.65 -10.44 17.93
CA GLY A 284 1.26 -10.80 16.58
C GLY A 284 2.30 -11.58 15.81
N LEU A 285 2.80 -11.00 14.72
CA LEU A 285 3.81 -11.63 13.88
C LEU A 285 5.01 -10.70 13.76
N ARG A 286 6.20 -11.24 13.97
CA ARG A 286 7.44 -10.47 13.95
C ARG A 286 8.33 -10.97 12.82
N ASP A 287 8.86 -10.05 12.03
CA ASP A 287 9.71 -10.38 10.89
C ASP A 287 11.08 -10.78 11.42
N GLU A 288 11.36 -12.08 11.43
CA GLU A 288 12.63 -12.63 11.86
C GLU A 288 13.41 -13.13 10.64
N ALA A 289 14.72 -12.98 10.69
CA ALA A 289 15.58 -13.53 9.66
C ALA A 289 15.81 -15.02 9.89
N CYS A 290 15.91 -15.77 8.79
CA CYS A 290 16.15 -17.20 8.86
C CYS A 290 17.42 -17.50 9.66
N GLY A 291 18.52 -16.83 9.32
CA GLY A 291 19.74 -16.89 10.11
C GLY A 291 20.45 -18.22 10.13
N LYS A 292 20.05 -19.17 9.29
CA LYS A 292 20.74 -20.46 9.26
C LYS A 292 22.03 -20.34 8.45
N GLU A 293 22.83 -21.40 8.50
CA GLU A 293 24.13 -21.39 7.86
C GLU A 293 24.00 -21.18 6.36
N THR A 294 24.94 -20.41 5.81
CA THR A 294 24.97 -20.09 4.38
C THR A 294 26.20 -20.77 3.76
N PRO A 295 26.07 -22.02 3.32
CA PRO A 295 27.24 -22.74 2.80
C PRO A 295 27.74 -22.14 1.49
N ALA A 296 28.98 -22.47 1.16
CA ALA A 296 29.56 -22.04 -0.10
C ALA A 296 28.86 -22.71 -1.27
N GLY A 297 28.60 -21.94 -2.31
CA GLY A 297 27.88 -22.45 -3.47
C GLY A 297 26.37 -22.41 -3.35
N TYR A 298 25.84 -21.82 -2.28
CA TYR A 298 24.39 -21.74 -2.08
C TYR A 298 23.89 -20.30 -2.18
N ALA A 299 24.66 -19.41 -2.82
CA ALA A 299 24.23 -18.05 -3.13
C ALA A 299 23.83 -17.27 -1.89
N GLY A 300 24.53 -17.52 -0.77
CA GLY A 300 24.25 -16.81 0.46
C GLY A 300 22.98 -17.20 1.18
N LEU A 301 22.33 -18.29 0.79
CA LEU A 301 21.11 -18.75 1.42
C LEU A 301 21.40 -20.00 2.25
N CYS A 302 20.42 -20.40 3.06
CA CYS A 302 20.57 -21.67 3.74
C CYS A 302 20.39 -22.81 2.74
N GLN A 303 20.40 -24.04 3.25
CA GLN A 303 20.21 -25.18 2.36
C GLN A 303 18.77 -25.26 1.86
N ALA A 304 17.81 -25.03 2.74
CA ALA A 304 16.40 -25.15 2.36
C ALA A 304 15.98 -24.06 1.38
N HIS A 305 16.41 -22.82 1.63
CA HIS A 305 16.00 -21.72 0.75
C HIS A 305 16.77 -21.73 -0.56
N TYR A 306 17.97 -22.30 -0.58
CA TYR A 306 18.68 -22.45 -1.86
C TYR A 306 18.02 -23.51 -2.72
N LYS A 307 17.59 -24.62 -2.10
CA LYS A 307 16.84 -25.63 -2.85
C LYS A 307 15.50 -25.08 -3.29
N GLU A 308 14.83 -24.29 -2.45
CA GLU A 308 13.61 -23.62 -2.87
C GLU A 308 13.87 -22.70 -4.06
N TYR A 309 15.01 -22.02 -4.06
CA TYR A 309 15.37 -21.16 -5.19
C TYR A 309 15.59 -21.97 -6.46
N LEU A 310 16.26 -23.13 -6.33
CA LEU A 310 16.47 -23.98 -7.50
C LEU A 310 15.17 -24.59 -8.00
N VAL A 311 14.31 -25.03 -7.08
CA VAL A 311 13.05 -25.65 -7.48
C VAL A 311 12.13 -24.62 -8.12
N SER A 312 12.17 -23.37 -7.67
CA SER A 312 11.38 -22.32 -8.31
C SER A 312 11.82 -22.12 -9.76
N LEU A 313 13.13 -22.15 -10.01
CA LEU A 313 13.62 -22.10 -11.38
C LEU A 313 13.20 -23.33 -12.17
N ILE A 314 13.24 -24.50 -11.52
CA ILE A 314 12.78 -25.73 -12.17
C ILE A 314 11.31 -25.63 -12.51
N ASN A 315 10.50 -25.16 -11.56
CA ASN A 315 9.06 -25.07 -11.79
C ASN A 315 8.73 -23.99 -12.81
N ALA A 316 9.46 -22.86 -12.78
CA ALA A 316 9.18 -21.77 -13.70
C ALA A 316 9.40 -22.18 -15.15
N HIS A 317 10.34 -23.09 -15.39
CA HIS A 317 10.63 -23.58 -16.74
C HIS A 317 9.96 -24.92 -17.03
N SER A 318 9.12 -25.41 -16.12
CA SER A 318 8.37 -26.65 -16.31
C SER A 318 9.28 -27.83 -16.60
N LEU A 319 10.43 -27.87 -15.93
CA LEU A 319 11.34 -29.01 -16.08
C LEU A 319 10.76 -30.24 -15.39
N ASP A 320 10.93 -31.40 -16.02
CA ASP A 320 10.37 -32.64 -15.50
C ASP A 320 11.47 -33.43 -14.82
N PRO A 321 11.41 -33.62 -13.50
CA PRO A 321 12.44 -34.42 -12.82
C PRO A 321 12.46 -35.87 -13.25
N ALA A 322 11.39 -36.38 -13.85
CA ALA A 322 11.34 -37.76 -14.29
C ALA A 322 12.37 -38.06 -15.38
N THR A 323 12.86 -37.03 -16.08
CA THR A 323 13.88 -37.24 -17.09
C THR A 323 15.20 -37.73 -16.50
N LEU A 324 15.39 -37.57 -15.18
CA LEU A 324 16.57 -38.08 -14.50
C LEU A 324 16.28 -39.31 -13.65
N TYR A 325 15.05 -39.81 -13.66
CA TYR A 325 14.70 -40.97 -12.86
C TYR A 325 15.45 -42.21 -13.31
N GLU A 326 15.92 -42.99 -12.34
CA GLU A 326 16.38 -44.33 -12.62
C GLU A 326 15.18 -45.28 -12.63
N VAL A 327 15.46 -46.58 -12.83
CA VAL A 327 14.38 -47.56 -12.93
C VAL A 327 13.59 -47.61 -11.63
N GLU A 328 14.27 -47.65 -10.49
CA GLU A 328 13.58 -47.74 -9.21
C GLU A 328 12.71 -46.51 -8.96
N GLU A 329 13.17 -45.34 -9.37
CA GLU A 329 12.37 -44.13 -9.22
C GLU A 329 11.14 -44.16 -10.12
N LEU A 330 11.28 -44.67 -11.34
CA LEU A 330 10.15 -44.77 -12.25
C LEU A 330 9.11 -45.76 -11.76
N GLU A 331 9.55 -46.85 -11.12
CA GLU A 331 8.60 -47.80 -10.56
C GLU A 331 7.83 -47.20 -9.40
N THR A 332 8.51 -46.44 -8.55
CA THR A 332 7.82 -45.75 -7.46
C THR A 332 6.80 -44.76 -7.99
N ALA A 333 7.17 -43.98 -9.00
CA ALA A 333 6.24 -43.01 -9.58
C ALA A 333 5.05 -43.70 -10.24
N THR A 334 5.28 -44.86 -10.86
CA THR A 334 4.19 -45.58 -11.49
C THR A 334 3.18 -46.08 -10.47
N GLU A 335 3.66 -46.64 -9.35
CA GLU A 335 2.76 -47.09 -8.30
C GLU A 335 2.08 -45.92 -7.59
N ARG A 336 2.75 -44.77 -7.53
CA ARG A 336 2.22 -43.63 -6.79
C ARG A 336 1.18 -42.85 -7.59
N TYR A 337 1.45 -42.62 -8.88
CA TYR A 337 0.58 -41.77 -9.68
C TYR A 337 -0.31 -42.53 -10.64
N LEU A 338 0.04 -43.77 -10.99
CA LEU A 338 -0.80 -44.61 -11.82
C LEU A 338 -1.44 -45.78 -11.08
N HIS A 339 -1.02 -46.03 -9.83
CA HIS A 339 -1.62 -47.06 -8.98
C HIS A 339 -1.51 -48.44 -9.64
N VAL A 340 -0.35 -48.73 -10.21
CA VAL A 340 -0.07 -50.00 -10.87
C VAL A 340 1.38 -50.36 -10.61
N ARG A 341 1.62 -51.58 -10.13
CA ARG A 341 3.00 -52.04 -9.99
C ARG A 341 3.52 -52.45 -11.36
N PRO A 342 4.53 -51.75 -11.89
CA PRO A 342 5.01 -52.05 -13.24
C PRO A 342 5.71 -53.40 -13.30
N GLN A 343 5.70 -53.99 -14.49
CA GLN A 343 6.31 -55.28 -14.74
C GLN A 343 7.12 -55.21 -16.03
N PRO A 344 8.38 -55.62 -16.01
CA PRO A 344 9.15 -55.66 -17.26
C PRO A 344 8.56 -56.66 -18.23
N LEU A 345 8.60 -56.30 -19.52
CA LEU A 345 8.09 -57.16 -20.57
C LEU A 345 9.20 -58.05 -21.12
N ALA A 346 8.79 -59.15 -21.76
CA ALA A 346 9.74 -60.10 -22.32
C ALA A 346 10.54 -59.44 -23.43
N GLY A 347 11.86 -59.62 -23.38
CA GLY A 347 12.76 -59.03 -24.35
C GLY A 347 13.28 -57.66 -23.99
N GLU A 348 12.78 -57.06 -22.90
CA GLU A 348 13.22 -55.73 -22.49
C GLU A 348 14.50 -55.82 -21.67
N ASP A 349 15.42 -54.90 -21.95
CA ASP A 349 16.55 -54.64 -21.07
C ASP A 349 16.22 -53.43 -20.18
N PRO A 350 16.99 -53.20 -19.13
CA PRO A 350 16.70 -52.08 -18.22
C PRO A 350 16.52 -50.75 -18.94
N PRO A 351 17.32 -50.45 -19.97
CA PRO A 351 17.04 -49.20 -20.72
C PRO A 351 15.66 -49.17 -21.37
N ALA A 352 15.22 -50.28 -21.96
CA ALA A 352 13.89 -50.29 -22.58
C ALA A 352 12.79 -50.25 -21.54
N TYR A 353 12.97 -50.98 -20.43
CA TYR A 353 12.03 -50.89 -19.32
C TYR A 353 11.94 -49.47 -18.78
N GLN A 354 13.08 -48.79 -18.70
CA GLN A 354 13.09 -47.41 -18.20
C GLN A 354 12.37 -46.47 -19.14
N ALA A 355 12.60 -46.60 -20.45
CA ALA A 355 11.98 -45.69 -21.41
C ALA A 355 10.47 -45.90 -21.47
N ARG A 356 10.00 -47.15 -21.37
CA ARG A 356 8.57 -47.40 -21.40
C ARG A 356 7.88 -46.79 -20.19
N LEU A 357 8.44 -46.99 -18.99
CA LEU A 357 7.86 -46.41 -17.79
C LEU A 357 7.86 -44.89 -17.85
N LEU A 358 8.95 -44.31 -18.36
CA LEU A 358 9.02 -42.85 -18.47
C LEU A 358 8.01 -42.32 -19.46
N GLN A 359 7.83 -43.00 -20.60
CA GLN A 359 6.87 -42.56 -21.60
C GLN A 359 5.44 -42.59 -21.05
N LYS A 360 5.06 -43.71 -20.43
CA LYS A 360 3.71 -43.84 -19.90
C LYS A 360 3.46 -42.83 -18.78
N LEU A 361 4.47 -42.54 -17.97
CA LEU A 361 4.30 -41.59 -16.87
C LEU A 361 4.10 -40.17 -17.39
N THR A 362 4.97 -39.73 -18.30
CA THR A 362 4.86 -38.37 -18.83
C THR A 362 3.62 -38.18 -19.69
N GLU A 363 3.06 -39.25 -20.25
CA GLU A 363 1.85 -39.14 -21.05
C GLU A 363 0.60 -39.03 -20.17
N GLU A 364 0.55 -39.79 -19.08
CA GLU A 364 -0.66 -39.90 -18.28
C GLU A 364 -0.69 -38.92 -17.11
N VAL A 365 0.46 -38.60 -16.53
CA VAL A 365 0.54 -37.79 -15.32
C VAL A 365 1.27 -36.50 -15.64
N PRO A 366 0.57 -35.39 -15.79
CA PRO A 366 1.23 -34.11 -16.05
C PRO A 366 1.97 -33.61 -14.81
N LEU A 367 2.80 -32.59 -15.02
CA LEU A 367 3.43 -31.90 -13.92
C LEU A 367 2.38 -31.16 -13.09
N GLY A 368 2.82 -30.57 -11.98
CA GLY A 368 1.94 -29.85 -11.08
C GLY A 368 1.04 -28.86 -11.76
N GLN A 369 -0.26 -29.14 -11.76
CA GLN A 369 -1.22 -28.30 -12.47
C GLN A 369 -1.50 -26.98 -11.76
N SER A 370 -1.19 -26.88 -10.47
CA SER A 370 -1.40 -25.65 -9.71
C SER A 370 -0.10 -25.10 -9.14
N ILE A 371 1.04 -25.69 -9.48
CA ILE A 371 2.32 -25.18 -9.00
C ILE A 371 2.55 -23.77 -9.58
N PRO A 372 2.92 -22.78 -8.78
CA PRO A 372 3.22 -21.45 -9.33
C PRO A 372 4.50 -21.51 -10.16
N ARG A 373 4.40 -21.09 -11.41
CA ARG A 373 5.52 -21.17 -12.34
C ARG A 373 5.92 -19.79 -12.85
N GLU B 1 0.76 -7.65 5.11
CA GLU B 1 0.16 -6.38 4.72
C GLU B 1 0.71 -5.23 5.56
N VAL B 2 0.40 -4.00 5.15
CA VAL B 2 0.88 -2.83 5.86
C VAL B 2 0.27 -2.77 7.26
N GLN B 3 1.09 -2.42 8.24
CA GLN B 3 0.63 -2.28 9.62
C GLN B 3 1.33 -1.10 10.27
N LEU B 4 0.56 -0.26 10.95
CA LEU B 4 1.08 0.87 11.71
C LEU B 4 0.45 0.83 13.09
N LEU B 5 1.26 0.59 14.12
CA LEU B 5 0.78 0.47 15.49
C LEU B 5 1.35 1.62 16.31
N GLU B 6 0.46 2.48 16.81
CA GLU B 6 0.87 3.59 17.67
C GLU B 6 0.87 3.15 19.13
N SER B 7 1.78 3.74 19.89
CA SER B 7 1.86 3.50 21.33
C SER B 7 2.49 4.71 21.98
N GLY B 8 2.14 4.93 23.25
CA GLY B 8 2.67 6.03 24.04
C GLY B 8 1.64 7.03 24.50
N GLY B 9 0.39 6.92 24.06
CA GLY B 9 -0.61 7.87 24.50
C GLY B 9 -1.05 7.61 25.94
N GLY B 10 -1.48 8.68 26.60
CA GLY B 10 -1.91 8.57 27.98
C GLY B 10 -2.29 9.92 28.53
N LEU B 11 -2.53 9.96 29.84
CA LEU B 11 -2.88 11.18 30.54
C LEU B 11 -1.63 11.86 31.05
N VAL B 12 -1.49 13.16 30.74
CA VAL B 12 -0.34 13.95 31.15
C VAL B 12 -0.82 15.32 31.59
N GLN B 13 -0.05 15.95 32.48
CA GLN B 13 -0.37 17.28 32.93
C GLN B 13 0.11 18.33 31.93
N PRO B 14 -0.51 19.51 31.93
CA PRO B 14 0.00 20.59 31.09
C PRO B 14 1.47 20.90 31.41
N GLY B 15 2.27 21.05 30.36
CA GLY B 15 3.69 21.22 30.50
C GLY B 15 4.49 19.93 30.56
N GLY B 16 3.82 18.78 30.62
CA GLY B 16 4.50 17.50 30.62
C GLY B 16 5.02 17.11 29.26
N SER B 17 5.65 15.93 29.21
CA SER B 17 6.24 15.39 28.01
C SER B 17 5.66 14.00 27.74
N LEU B 18 5.70 13.61 26.47
CA LEU B 18 5.19 12.31 26.04
C LEU B 18 5.85 11.94 24.72
N ARG B 19 6.25 10.68 24.60
CA ARG B 19 6.92 10.18 23.40
C ARG B 19 6.06 9.10 22.78
N LEU B 20 5.58 9.34 21.56
CA LEU B 20 4.80 8.36 20.82
C LEU B 20 5.70 7.56 19.90
N SER B 21 5.32 6.31 19.66
CA SER B 21 6.03 5.42 18.76
C SER B 21 5.06 4.85 17.73
N CYS B 22 5.59 4.52 16.56
CA CYS B 22 4.82 3.91 15.48
C CYS B 22 5.63 2.76 14.91
N ALA B 23 5.24 1.54 15.23
CA ALA B 23 5.89 0.35 14.70
C ALA B 23 5.28 0.02 13.34
N ALA B 24 6.13 -0.01 12.31
CA ALA B 24 5.69 -0.21 10.93
C ALA B 24 6.23 -1.52 10.39
N SER B 25 5.41 -2.18 9.56
CA SER B 25 5.81 -3.41 8.90
C SER B 25 4.91 -3.61 7.68
N GLY B 26 5.32 -4.52 6.81
CA GLY B 26 4.59 -4.80 5.59
C GLY B 26 4.97 -3.95 4.40
N PHE B 27 5.96 -3.08 4.55
CA PHE B 27 6.42 -2.25 3.44
C PHE B 27 7.84 -1.77 3.76
N THR B 28 8.58 -1.44 2.70
CA THR B 28 9.93 -0.92 2.86
C THR B 28 9.86 0.44 3.52
N PHE B 29 10.15 0.48 4.82
CA PHE B 29 9.95 1.69 5.61
C PHE B 29 10.79 2.85 5.10
N ARG B 30 12.04 2.59 4.73
CA ARG B 30 12.97 3.64 4.35
C ARG B 30 12.62 4.30 3.02
N GLY B 31 11.67 3.75 2.27
CA GLY B 31 11.30 4.29 0.98
C GLY B 31 10.11 5.23 0.97
N TYR B 32 9.55 5.56 2.13
CA TYR B 32 8.37 6.40 2.20
C TYR B 32 8.55 7.46 3.28
N SER B 33 7.99 8.64 3.02
CA SER B 33 7.85 9.62 4.08
C SER B 33 6.78 9.16 5.06
N MET B 34 6.92 9.59 6.32
CA MET B 34 5.98 9.23 7.37
C MET B 34 5.48 10.49 8.03
N ALA B 35 4.29 10.39 8.64
CA ALA B 35 3.64 11.57 9.18
C ALA B 35 2.87 11.22 10.44
N TRP B 36 2.55 12.28 11.20
CA TRP B 36 1.65 12.20 12.35
C TRP B 36 0.49 13.14 12.10
N VAL B 37 -0.74 12.66 12.36
CA VAL B 37 -1.94 13.49 12.32
C VAL B 37 -2.70 13.24 13.61
N ARG B 38 -3.68 14.11 13.87
CA ARG B 38 -4.44 14.01 15.11
C ARG B 38 -5.85 14.54 14.89
N GLN B 39 -6.76 14.10 15.75
CA GLN B 39 -8.15 14.55 15.74
C GLN B 39 -8.56 14.88 17.17
N ALA B 40 -8.70 16.17 17.45
CA ALA B 40 -9.20 16.60 18.74
C ALA B 40 -10.68 16.24 18.88
N PRO B 41 -11.18 16.11 20.11
CA PRO B 41 -12.59 15.74 20.29
C PRO B 41 -13.53 16.71 19.58
N GLY B 42 -14.41 16.14 18.77
CA GLY B 42 -15.40 16.94 18.04
C GLY B 42 -14.86 17.78 16.92
N LYS B 43 -13.57 17.67 16.60
CA LYS B 43 -12.94 18.48 15.57
C LYS B 43 -12.54 17.61 14.37
N GLY B 44 -12.03 18.27 13.33
CA GLY B 44 -11.56 17.56 12.16
C GLY B 44 -10.10 17.16 12.27
N LEU B 45 -9.71 16.22 11.42
CA LEU B 45 -8.33 15.73 11.42
C LEU B 45 -7.36 16.87 11.13
N GLU B 46 -6.28 16.91 11.89
CA GLU B 46 -5.28 17.98 11.78
C GLU B 46 -3.91 17.36 11.57
N TRP B 47 -3.22 17.80 10.50
CA TRP B 47 -1.86 17.35 10.26
C TRP B 47 -0.91 17.93 11.29
N VAL B 48 0.05 17.11 11.73
CA VAL B 48 0.99 17.49 12.78
C VAL B 48 2.41 17.65 12.22
N SER B 49 2.93 16.60 11.58
CA SER B 49 4.32 16.64 11.12
C SER B 49 4.53 15.56 10.06
N THR B 50 5.54 15.78 9.22
CA THR B 50 5.94 14.83 8.19
C THR B 50 7.46 14.79 8.13
N ILE B 51 8.01 13.58 8.01
CA ILE B 51 9.45 13.38 7.91
C ILE B 51 9.76 12.65 6.61
N SER B 52 10.84 13.05 5.95
CA SER B 52 11.24 12.48 4.67
C SER B 52 11.73 11.04 4.85
N PRO B 53 11.87 10.29 3.75
CA PRO B 53 12.22 8.85 3.88
C PRO B 53 13.41 8.53 4.79
N ILE B 54 14.54 9.21 4.62
CA ILE B 54 15.70 8.94 5.48
C ILE B 54 15.90 10.02 6.52
N GLY B 55 14.90 10.89 6.72
CA GLY B 55 14.96 11.89 7.78
C GLY B 55 15.72 13.15 7.44
N THR B 56 16.02 13.39 6.15
CA THR B 56 16.75 14.60 5.79
C THR B 56 15.93 15.86 6.03
N TYR B 57 14.61 15.78 5.87
CA TYR B 57 13.74 16.94 6.01
C TYR B 57 12.60 16.62 6.97
N THR B 58 12.20 17.62 7.74
CA THR B 58 11.07 17.52 8.66
C THR B 58 10.17 18.73 8.47
N TYR B 59 8.86 18.49 8.49
CA TYR B 59 7.86 19.54 8.33
C TYR B 59 6.91 19.50 9.51
N TYR B 60 6.47 20.67 9.95
CA TYR B 60 5.65 20.77 11.15
C TYR B 60 4.51 21.75 10.93
N ALA B 61 3.39 21.49 11.59
CA ALA B 61 2.33 22.48 11.69
C ALA B 61 2.79 23.62 12.59
N ASP B 62 2.26 24.82 12.31
CA ASP B 62 2.73 26.01 13.03
C ASP B 62 2.48 25.91 14.53
N SER B 63 1.36 25.28 14.92
CA SER B 63 1.01 25.22 16.33
C SER B 63 1.91 24.27 17.12
N VAL B 64 2.63 23.36 16.45
CA VAL B 64 3.46 22.37 17.13
C VAL B 64 4.94 22.52 16.83
N LYS B 65 5.33 23.34 15.85
CA LYS B 65 6.73 23.46 15.48
C LYS B 65 7.57 23.92 16.66
N GLY B 66 8.66 23.21 16.93
CA GLY B 66 9.54 23.49 18.05
C GLY B 66 9.20 22.70 19.30
N ARG B 67 7.91 22.60 19.62
CA ARG B 67 7.49 21.78 20.76
C ARG B 67 7.54 20.29 20.43
N PHE B 68 7.14 19.93 19.22
CA PHE B 68 7.16 18.55 18.77
C PHE B 68 8.38 18.30 17.90
N THR B 69 8.88 17.06 17.93
CA THR B 69 10.03 16.67 17.12
C THR B 69 9.77 15.29 16.56
N ILE B 70 9.72 15.19 15.24
CA ILE B 70 9.53 13.92 14.56
C ILE B 70 10.89 13.33 14.22
N SER B 71 10.99 12.01 14.29
CA SER B 71 12.22 11.31 13.95
C SER B 71 11.84 9.89 13.55
N ARG B 72 12.82 9.16 13.02
CA ARG B 72 12.58 7.79 12.58
C ARG B 72 13.87 6.99 12.69
N ASP B 73 13.71 5.70 12.94
CA ASP B 73 14.82 4.74 12.98
C ASP B 73 14.52 3.68 11.93
N ASN B 74 15.06 3.89 10.72
CA ASN B 74 14.82 2.95 9.62
C ASN B 74 15.40 1.57 9.91
N SER B 75 16.43 1.48 10.76
CA SER B 75 16.96 0.18 11.13
C SER B 75 15.98 -0.63 11.96
N LYS B 76 15.03 0.02 12.62
CA LYS B 76 14.00 -0.68 13.39
C LYS B 76 12.60 -0.48 12.84
N ASN B 77 12.44 0.25 11.72
CA ASN B 77 11.15 0.47 11.09
C ASN B 77 10.16 1.12 12.05
N THR B 78 10.62 2.15 12.76
CA THR B 78 9.83 2.80 13.78
C THR B 78 9.84 4.31 13.57
N LEU B 79 8.68 4.93 13.75
CA LEU B 79 8.51 6.37 13.67
C LEU B 79 8.19 6.92 15.06
N TYR B 80 8.82 8.04 15.41
CA TYR B 80 8.68 8.63 16.74
C TYR B 80 8.13 10.05 16.63
N LEU B 81 7.47 10.49 17.70
CA LEU B 81 7.03 11.87 17.84
C LEU B 81 7.27 12.28 19.28
N GLN B 82 8.30 13.10 19.51
CA GLN B 82 8.61 13.61 20.84
C GLN B 82 7.77 14.85 21.10
N MET B 83 6.84 14.76 22.04
CA MET B 83 5.94 15.86 22.38
C MET B 83 6.39 16.47 23.69
N ASN B 84 6.79 17.74 23.64
CA ASN B 84 7.26 18.47 24.81
C ASN B 84 6.35 19.64 25.10
N SER B 85 6.24 20.00 26.38
CA SER B 85 5.42 21.11 26.85
C SER B 85 3.99 20.99 26.34
N LEU B 86 3.39 19.85 26.65
CA LEU B 86 2.04 19.55 26.15
C LEU B 86 1.01 20.50 26.74
N ARG B 87 0.11 20.97 25.90
CA ARG B 87 -0.98 21.85 26.28
C ARG B 87 -2.31 21.12 26.15
N ALA B 88 -3.35 21.74 26.71
CA ALA B 88 -4.69 21.12 26.66
C ALA B 88 -5.19 20.96 25.23
N GLU B 89 -4.78 21.86 24.33
CA GLU B 89 -5.20 21.74 22.94
C GLU B 89 -4.62 20.52 22.25
N ASP B 90 -3.53 19.96 22.79
CA ASP B 90 -2.93 18.75 22.23
C ASP B 90 -3.71 17.49 22.52
N THR B 91 -4.79 17.58 23.29
CA THR B 91 -5.64 16.43 23.58
C THR B 91 -6.31 15.96 22.30
N ALA B 92 -5.97 14.76 21.85
CA ALA B 92 -6.47 14.24 20.58
C ALA B 92 -6.06 12.78 20.45
N VAL B 93 -6.69 12.09 19.51
CA VAL B 93 -6.20 10.78 19.08
C VAL B 93 -5.14 11.02 18.02
N TYR B 94 -3.94 10.48 18.25
CA TYR B 94 -2.81 10.69 17.36
C TYR B 94 -2.64 9.47 16.46
N TYR B 95 -2.57 9.71 15.15
CA TYR B 95 -2.49 8.66 14.16
C TYR B 95 -1.15 8.70 13.43
N CYS B 96 -0.58 7.52 13.20
CA CYS B 96 0.60 7.36 12.37
C CYS B 96 0.16 7.14 10.92
N ALA B 97 0.84 7.82 10.00
CA ALA B 97 0.44 7.81 8.59
C ALA B 97 1.64 7.50 7.71
N LYS B 98 1.41 6.69 6.68
CA LYS B 98 2.45 6.30 5.73
C LYS B 98 2.28 7.10 4.44
N GLY B 99 3.37 7.71 3.98
CA GLY B 99 3.32 8.44 2.72
C GLY B 99 2.99 7.52 1.56
N SER B 100 2.30 8.09 0.57
CA SER B 100 1.80 7.33 -0.57
C SER B 100 2.29 7.94 -1.87
N TYR B 101 2.69 7.08 -2.81
CA TYR B 101 3.02 7.49 -4.16
C TYR B 101 1.86 7.24 -5.13
N SER B 102 0.68 6.91 -4.61
CA SER B 102 -0.50 6.73 -5.45
C SER B 102 -1.18 8.06 -5.69
N ARG B 103 -1.70 8.25 -6.89
CA ARG B 103 -2.37 9.49 -7.24
C ARG B 103 -3.68 9.61 -6.48
N GLY B 104 -3.91 10.77 -5.86
CA GLY B 104 -5.17 11.07 -5.21
C GLY B 104 -5.09 11.23 -3.71
N THR B 105 -3.94 10.97 -3.09
CA THR B 105 -3.84 11.07 -1.64
C THR B 105 -2.37 11.23 -1.27
N PRO B 106 -2.08 11.98 -0.20
CA PRO B 106 -0.70 12.03 0.30
C PRO B 106 -0.34 10.85 1.18
N PHE B 107 -1.33 10.18 1.78
CA PHE B 107 -1.13 8.98 2.57
C PHE B 107 -2.11 7.92 2.14
N ASP B 108 -1.67 6.65 2.20
CA ASP B 108 -2.54 5.53 1.88
C ASP B 108 -2.81 4.62 3.06
N TYR B 109 -2.19 4.86 4.21
CA TYR B 109 -2.41 4.02 5.38
C TYR B 109 -2.33 4.87 6.65
N TRP B 110 -3.23 4.60 7.58
CA TRP B 110 -3.20 5.20 8.91
C TRP B 110 -3.25 4.09 9.95
N GLY B 111 -2.67 4.36 11.12
CA GLY B 111 -2.69 3.41 12.21
C GLY B 111 -4.02 3.43 12.96
N GLN B 112 -4.08 2.58 13.99
CA GLN B 112 -5.30 2.50 14.80
C GLN B 112 -5.46 3.70 15.71
N GLY B 113 -4.40 4.44 15.98
CA GLY B 113 -4.50 5.63 16.79
C GLY B 113 -4.22 5.37 18.26
N THR B 114 -3.70 6.39 18.93
CA THR B 114 -3.46 6.37 20.36
C THR B 114 -3.97 7.67 20.97
N LEU B 115 -4.65 7.55 22.11
CA LEU B 115 -5.32 8.70 22.72
C LEU B 115 -4.39 9.41 23.69
N VAL B 116 -4.24 10.71 23.52
CA VAL B 116 -3.48 11.56 24.43
C VAL B 116 -4.44 12.56 25.06
N THR B 117 -4.41 12.64 26.39
CA THR B 117 -5.25 13.54 27.15
C THR B 117 -4.37 14.41 28.04
N VAL B 118 -4.46 15.73 27.84
CA VAL B 118 -3.70 16.70 28.63
C VAL B 118 -4.68 17.46 29.50
N SER B 119 -4.44 17.45 30.81
CA SER B 119 -5.34 18.09 31.78
C SER B 119 -5.47 19.59 31.52
N GLU C 1 -22.69 21.20 11.36
CA GLU C 1 -21.70 20.20 11.73
C GLU C 1 -21.76 19.00 10.78
N VAL C 2 -20.59 18.47 10.45
CA VAL C 2 -20.50 17.43 9.43
C VAL C 2 -21.08 16.12 9.96
N GLN C 3 -21.95 15.49 9.16
CA GLN C 3 -22.51 14.20 9.50
C GLN C 3 -22.46 13.30 8.27
N LEU C 4 -21.93 12.09 8.45
CA LEU C 4 -21.82 11.11 7.37
C LEU C 4 -22.38 9.78 7.86
N LEU C 5 -23.19 9.14 7.02
CA LEU C 5 -23.86 7.89 7.39
C LEU C 5 -23.71 6.90 6.23
N GLU C 6 -22.99 5.81 6.47
CA GLU C 6 -22.83 4.75 5.49
C GLU C 6 -23.93 3.72 5.62
N SER C 7 -24.15 2.97 4.55
CA SER C 7 -25.11 1.89 4.53
C SER C 7 -24.76 0.94 3.39
N GLY C 8 -25.36 -0.25 3.43
CA GLY C 8 -25.19 -1.23 2.38
C GLY C 8 -24.27 -2.38 2.72
N GLY C 9 -23.54 -2.32 3.84
CA GLY C 9 -22.67 -3.40 4.20
C GLY C 9 -23.43 -4.68 4.49
N GLY C 10 -22.70 -5.78 4.50
CA GLY C 10 -23.32 -7.07 4.79
C GLY C 10 -22.37 -8.21 4.49
N LEU C 11 -22.94 -9.40 4.48
CA LEU C 11 -22.21 -10.63 4.20
C LEU C 11 -22.28 -10.95 2.71
N VAL C 12 -21.11 -11.14 2.10
CA VAL C 12 -21.00 -11.35 0.65
C VAL C 12 -20.22 -12.63 0.41
N GLN C 13 -20.69 -13.44 -0.55
CA GLN C 13 -19.94 -14.59 -0.98
C GLN C 13 -18.76 -14.15 -1.86
N PRO C 14 -17.68 -14.93 -1.91
CA PRO C 14 -16.52 -14.52 -2.70
C PRO C 14 -16.88 -14.36 -4.18
N GLY C 15 -16.33 -13.31 -4.79
CA GLY C 15 -16.66 -12.96 -6.15
C GLY C 15 -17.95 -12.20 -6.31
N GLY C 16 -18.70 -11.97 -5.24
CA GLY C 16 -19.95 -11.26 -5.31
C GLY C 16 -19.76 -9.76 -5.45
N SER C 17 -20.88 -9.06 -5.53
CA SER C 17 -20.90 -7.62 -5.68
C SER C 17 -21.68 -6.97 -4.55
N LEU C 18 -21.39 -5.69 -4.30
CA LEU C 18 -22.04 -4.95 -3.25
C LEU C 18 -21.87 -3.45 -3.53
N ARG C 19 -22.91 -2.68 -3.28
CA ARG C 19 -22.91 -1.24 -3.48
C ARG C 19 -23.11 -0.56 -2.14
N LEU C 20 -22.15 0.26 -1.73
CA LEU C 20 -22.26 1.04 -0.52
C LEU C 20 -22.77 2.44 -0.84
N SER C 21 -23.44 3.04 0.14
CA SER C 21 -23.96 4.40 0.03
C SER C 21 -23.49 5.21 1.22
N CYS C 22 -23.53 6.54 1.08
CA CYS C 22 -23.15 7.43 2.15
C CYS C 22 -23.95 8.72 2.02
N ALA C 23 -24.93 8.92 2.90
CA ALA C 23 -25.67 10.17 2.94
C ALA C 23 -24.90 11.18 3.79
N ALA C 24 -24.65 12.35 3.22
CA ALA C 24 -23.88 13.39 3.88
C ALA C 24 -24.74 14.60 4.18
N SER C 25 -24.30 15.39 5.17
CA SER C 25 -25.00 16.61 5.56
C SER C 25 -24.06 17.45 6.41
N GLY C 26 -24.40 18.73 6.55
CA GLY C 26 -23.65 19.63 7.38
C GLY C 26 -22.54 20.40 6.68
N PHE C 27 -22.43 20.28 5.37
CA PHE C 27 -21.42 21.02 4.61
C PHE C 27 -21.84 21.04 3.14
N THR C 28 -21.15 21.88 2.38
CA THR C 28 -21.40 21.99 0.94
C THR C 28 -20.82 20.76 0.25
N PHE C 29 -21.70 19.84 -0.16
CA PHE C 29 -21.25 18.57 -0.72
C PHE C 29 -20.45 18.77 -2.00
N ARG C 30 -20.94 19.63 -2.89
CA ARG C 30 -20.26 19.86 -4.16
C ARG C 30 -18.90 20.51 -3.99
N GLY C 31 -18.65 21.18 -2.86
CA GLY C 31 -17.42 21.90 -2.68
C GLY C 31 -16.21 21.09 -2.26
N TYR C 32 -16.35 19.77 -2.11
CA TYR C 32 -15.27 18.96 -1.56
C TYR C 32 -15.18 17.63 -2.29
N SER C 33 -13.96 17.09 -2.33
CA SER C 33 -13.79 15.70 -2.70
C SER C 33 -14.39 14.79 -1.63
N MET C 34 -14.63 13.54 -2.01
CA MET C 34 -15.12 12.54 -1.08
C MET C 34 -14.29 11.27 -1.26
N ALA C 35 -14.13 10.51 -0.18
CA ALA C 35 -13.24 9.36 -0.19
C ALA C 35 -13.86 8.21 0.58
N TRP C 36 -13.38 7.01 0.27
CA TRP C 36 -13.68 5.80 1.04
C TRP C 36 -12.39 5.29 1.65
N VAL C 37 -12.45 4.94 2.93
CA VAL C 37 -11.34 4.27 3.62
C VAL C 37 -11.92 3.06 4.34
N ARG C 38 -11.06 2.09 4.64
CA ARG C 38 -11.53 0.84 5.21
C ARG C 38 -10.58 0.37 6.32
N GLN C 39 -11.17 -0.27 7.33
CA GLN C 39 -10.44 -0.83 8.45
C GLN C 39 -10.49 -2.35 8.36
N ALA C 40 -9.38 -2.95 7.93
CA ALA C 40 -9.26 -4.40 7.95
C ALA C 40 -9.09 -4.89 9.39
N PRO C 41 -9.38 -6.16 9.65
CA PRO C 41 -9.21 -6.69 11.01
C PRO C 41 -7.78 -6.51 11.51
N GLY C 42 -7.66 -5.88 12.68
CA GLY C 42 -6.36 -5.64 13.27
C GLY C 42 -5.57 -4.50 12.69
N LYS C 43 -6.18 -3.69 11.83
CA LYS C 43 -5.49 -2.58 11.16
C LYS C 43 -6.14 -1.26 11.55
N GLY C 44 -5.62 -0.18 10.98
CA GLY C 44 -6.17 1.14 11.20
C GLY C 44 -7.08 1.58 10.07
N LEU C 45 -6.55 2.36 9.13
CA LEU C 45 -7.30 2.80 7.97
C LEU C 45 -6.45 2.62 6.72
N GLU C 46 -7.07 2.09 5.67
CA GLU C 46 -6.45 2.00 4.35
C GLU C 46 -7.28 2.80 3.36
N TRP C 47 -6.63 3.73 2.66
CA TRP C 47 -7.31 4.51 1.65
C TRP C 47 -7.79 3.61 0.52
N VAL C 48 -9.06 3.74 0.14
CA VAL C 48 -9.66 2.94 -0.92
C VAL C 48 -9.80 3.74 -2.21
N SER C 49 -10.49 4.87 -2.15
CA SER C 49 -10.80 5.62 -3.36
C SER C 49 -11.14 7.06 -2.99
N THR C 50 -10.98 7.95 -3.98
CA THR C 50 -11.29 9.37 -3.84
C THR C 50 -11.92 9.86 -5.13
N ILE C 51 -12.95 10.70 -5.00
CA ILE C 51 -13.62 11.29 -6.15
C ILE C 51 -13.60 12.80 -6.02
N SER C 52 -13.37 13.49 -7.14
CA SER C 52 -13.26 14.94 -7.15
C SER C 52 -14.63 15.57 -6.93
N PRO C 53 -14.68 16.88 -6.65
CA PRO C 53 -15.97 17.52 -6.31
C PRO C 53 -17.13 17.21 -7.24
N ILE C 54 -16.93 17.24 -8.56
CA ILE C 54 -18.00 16.91 -9.49
C ILE C 54 -17.72 15.61 -10.23
N GLY C 55 -16.77 14.81 -9.73
CA GLY C 55 -16.51 13.51 -10.32
C GLY C 55 -15.60 13.53 -11.54
N THR C 56 -14.88 14.62 -11.77
CA THR C 56 -13.96 14.67 -12.91
C THR C 56 -12.89 13.61 -12.78
N TYR C 57 -12.30 13.46 -11.60
CA TYR C 57 -11.22 12.52 -11.36
C TYR C 57 -11.64 11.52 -10.30
N THR C 58 -11.33 10.25 -10.56
CA THR C 58 -11.56 9.17 -9.62
C THR C 58 -10.23 8.44 -9.41
N TYR C 59 -9.82 8.31 -8.16
CA TYR C 59 -8.57 7.66 -7.80
C TYR C 59 -8.87 6.39 -7.01
N TYR C 60 -8.01 5.39 -7.17
CA TYR C 60 -8.22 4.09 -6.54
C TYR C 60 -6.91 3.55 -6.01
N ALA C 61 -6.97 2.87 -4.87
CA ALA C 61 -5.83 2.09 -4.42
C ALA C 61 -5.54 0.96 -5.40
N ASP C 62 -4.27 0.55 -5.47
CA ASP C 62 -3.87 -0.46 -6.43
C ASP C 62 -4.68 -1.74 -6.28
N SER C 63 -4.95 -2.15 -5.04
CA SER C 63 -5.60 -3.44 -4.78
C SER C 63 -7.07 -3.47 -5.19
N VAL C 64 -7.69 -2.32 -5.43
CA VAL C 64 -9.09 -2.27 -5.82
C VAL C 64 -9.31 -1.75 -7.23
N LYS C 65 -8.25 -1.32 -7.93
CA LYS C 65 -8.41 -0.82 -9.28
C LYS C 65 -9.04 -1.87 -10.19
N GLY C 66 -10.00 -1.44 -11.01
CA GLY C 66 -10.71 -2.33 -11.89
C GLY C 66 -11.85 -3.09 -11.27
N ARG C 67 -11.89 -3.21 -9.96
CA ARG C 67 -12.97 -3.89 -9.25
C ARG C 67 -13.94 -2.94 -8.57
N PHE C 68 -13.47 -1.80 -8.09
CA PHE C 68 -14.31 -0.83 -7.40
C PHE C 68 -14.59 0.35 -8.31
N THR C 69 -15.77 0.94 -8.15
CA THR C 69 -16.15 2.16 -8.85
C THR C 69 -16.75 3.13 -7.85
N ILE C 70 -16.14 4.30 -7.73
CA ILE C 70 -16.64 5.36 -6.86
C ILE C 70 -17.47 6.32 -7.71
N SER C 71 -18.54 6.84 -7.13
CA SER C 71 -19.40 7.79 -7.81
C SER C 71 -20.12 8.64 -6.77
N ARG C 72 -20.73 9.72 -7.24
CA ARG C 72 -21.44 10.63 -6.34
C ARG C 72 -22.64 11.22 -7.07
N ASP C 73 -23.68 11.49 -6.30
CA ASP C 73 -24.89 12.16 -6.79
C ASP C 73 -25.00 13.46 -6.00
N ASN C 74 -24.45 14.54 -6.55
CA ASN C 74 -24.44 15.81 -5.85
C ASN C 74 -25.84 16.36 -5.60
N SER C 75 -26.82 15.96 -6.41
CA SER C 75 -28.19 16.39 -6.18
C SER C 75 -28.82 15.74 -4.95
N LYS C 76 -28.21 14.69 -4.41
CA LYS C 76 -28.70 14.04 -3.21
C LYS C 76 -27.68 14.05 -2.07
N ASN C 77 -26.49 14.62 -2.29
CA ASN C 77 -25.41 14.62 -1.30
C ASN C 77 -25.08 13.20 -0.85
N THR C 78 -25.00 12.28 -1.82
CA THR C 78 -24.77 10.87 -1.54
C THR C 78 -23.52 10.39 -2.28
N LEU C 79 -22.68 9.65 -1.57
CA LEU C 79 -21.49 9.03 -2.14
C LEU C 79 -21.73 7.53 -2.30
N TYR C 80 -21.20 6.96 -3.38
CA TYR C 80 -21.42 5.56 -3.71
C TYR C 80 -20.09 4.85 -3.90
N LEU C 81 -20.08 3.56 -3.60
CA LEU C 81 -18.95 2.69 -3.90
C LEU C 81 -19.50 1.37 -4.41
N GLN C 82 -19.29 1.10 -5.70
CA GLN C 82 -19.65 -0.17 -6.30
C GLN C 82 -18.47 -1.11 -6.19
N MET C 83 -18.66 -2.23 -5.49
CA MET C 83 -17.59 -3.20 -5.24
C MET C 83 -17.91 -4.49 -5.97
N ASN C 84 -17.03 -4.88 -6.90
CA ASN C 84 -17.20 -6.08 -7.68
C ASN C 84 -16.03 -7.03 -7.42
N SER C 85 -16.29 -8.32 -7.69
CA SER C 85 -15.30 -9.38 -7.53
C SER C 85 -14.63 -9.32 -6.15
N LEU C 86 -15.47 -9.29 -5.12
CA LEU C 86 -14.98 -9.15 -3.76
C LEU C 86 -14.20 -10.39 -3.34
N ARG C 87 -13.09 -10.16 -2.64
CA ARG C 87 -12.24 -11.22 -2.12
C ARG C 87 -12.22 -11.13 -0.60
N ALA C 88 -11.69 -12.20 0.03
CA ALA C 88 -11.61 -12.24 1.49
C ALA C 88 -10.84 -11.05 2.04
N GLU C 89 -9.80 -10.61 1.33
CA GLU C 89 -9.00 -9.49 1.78
C GLU C 89 -9.74 -8.17 1.72
N ASP C 90 -10.91 -8.12 1.09
CA ASP C 90 -11.74 -6.92 1.10
C ASP C 90 -12.59 -6.79 2.36
N THR C 91 -12.56 -7.79 3.24
CA THR C 91 -13.30 -7.74 4.49
C THR C 91 -12.78 -6.60 5.36
N ALA C 92 -13.66 -5.64 5.66
CA ALA C 92 -13.26 -4.46 6.41
C ALA C 92 -14.50 -3.64 6.73
N VAL C 93 -14.34 -2.75 7.70
CA VAL C 93 -15.31 -1.67 7.89
C VAL C 93 -15.01 -0.57 6.88
N TYR C 94 -16.00 -0.20 6.08
CA TYR C 94 -15.81 0.81 5.05
C TYR C 94 -16.38 2.13 5.53
N TYR C 95 -15.55 3.17 5.52
CA TYR C 95 -15.89 4.47 6.06
C TYR C 95 -16.04 5.50 4.95
N CYS C 96 -17.09 6.30 5.04
CA CYS C 96 -17.25 7.48 4.19
C CYS C 96 -16.49 8.64 4.79
N ALA C 97 -15.83 9.42 3.93
CA ALA C 97 -14.94 10.48 4.42
C ALA C 97 -15.13 11.75 3.59
N LYS C 98 -15.25 12.89 4.28
CA LYS C 98 -15.35 14.17 3.61
C LYS C 98 -13.95 14.70 3.29
N GLY C 99 -13.70 14.99 2.02
CA GLY C 99 -12.38 15.44 1.61
C GLY C 99 -12.04 16.81 2.14
N SER C 100 -10.74 17.12 2.07
CA SER C 100 -10.23 18.42 2.49
C SER C 100 -9.03 18.77 1.64
N TYR C 101 -8.78 20.08 1.50
CA TYR C 101 -7.65 20.57 0.72
C TYR C 101 -6.45 20.93 1.58
N SER C 102 -6.58 20.89 2.90
CA SER C 102 -5.50 21.30 3.78
C SER C 102 -4.37 20.27 3.78
N ARG C 103 -3.17 20.76 4.12
CA ARG C 103 -1.97 19.94 4.05
C ARG C 103 -2.09 18.72 4.96
N GLY C 104 -1.67 17.57 4.43
CA GLY C 104 -1.60 16.35 5.22
C GLY C 104 -2.93 15.76 5.64
N THR C 105 -4.05 16.32 5.19
CA THR C 105 -5.37 15.81 5.53
C THR C 105 -6.19 15.70 4.25
N PRO C 106 -6.07 14.58 3.52
CA PRO C 106 -6.96 14.36 2.38
C PRO C 106 -8.41 14.30 2.77
N PHE C 107 -8.71 13.91 4.01
CA PHE C 107 -10.04 14.00 4.57
C PHE C 107 -9.92 14.45 6.02
N ASP C 108 -10.94 15.17 6.50
CA ASP C 108 -10.95 15.67 7.87
C ASP C 108 -11.99 14.99 8.76
N TYR C 109 -13.04 14.42 8.18
CA TYR C 109 -14.06 13.70 8.93
C TYR C 109 -14.38 12.40 8.22
N TRP C 110 -14.57 11.33 8.99
CA TRP C 110 -15.07 10.07 8.44
C TRP C 110 -16.16 9.51 9.34
N GLY C 111 -17.10 8.80 8.73
CA GLY C 111 -18.34 8.42 9.38
C GLY C 111 -18.20 7.24 10.32
N GLN C 112 -19.34 6.63 10.62
CA GLN C 112 -19.40 5.52 11.57
C GLN C 112 -18.89 4.22 10.96
N GLY C 113 -19.16 4.00 9.68
CA GLY C 113 -18.66 2.82 9.01
C GLY C 113 -19.69 1.71 8.88
N THR C 114 -19.67 1.00 7.75
CA THR C 114 -20.53 -0.15 7.51
C THR C 114 -19.65 -1.36 7.24
N LEU C 115 -19.96 -2.47 7.93
CA LEU C 115 -19.10 -3.64 7.89
C LEU C 115 -19.41 -4.50 6.66
N VAL C 116 -18.37 -4.89 5.95
CA VAL C 116 -18.48 -5.81 4.81
C VAL C 116 -17.57 -6.99 5.09
N THR C 117 -18.13 -8.19 5.09
CA THR C 117 -17.37 -9.42 5.27
C THR C 117 -17.53 -10.29 4.04
N VAL C 118 -16.44 -10.95 3.65
CA VAL C 118 -16.42 -11.84 2.50
C VAL C 118 -16.13 -13.25 3.01
N SER C 119 -17.08 -14.15 2.81
CA SER C 119 -16.92 -15.52 3.27
C SER C 119 -15.91 -16.26 2.39
N SER C 120 -15.48 -17.42 2.88
CA SER C 120 -14.50 -18.23 2.17
C SER C 120 -15.03 -19.63 1.94
C01 L6B D . 3.10 -16.80 8.10
C02 L6B D . 1.87 -15.87 7.94
C03 L6B D . 0.69 -16.34 8.80
C04 L6B D . 0.27 -17.78 8.50
C05 L6B D . 1.44 -18.72 8.16
C06 L6B D . 2.71 -18.29 7.98
C08 L6B D . 2.07 -20.95 7.77
C09 L6B D . 3.40 -20.58 7.58
C10 L6B D . 3.74 -19.23 7.68
C11 L6B D . 4.46 -21.63 7.25
C13 L6B D . 5.12 -24.01 6.83
C14 L6B D . 5.56 -24.76 8.09
C15 L6B D . 6.43 -23.89 8.99
C16 L6B D . 6.55 -24.46 10.40
C18 L6B D . 8.11 -26.09 11.01
N07 L6B D . 1.14 -20.05 8.05
N12 L6B D . 4.10 -23.03 7.15
O17 L6B D . 7.81 -24.73 10.94
O19 L6B D . 1.70 -22.30 7.67
O20 L6B D . 5.58 -21.29 7.07
O21 L6B D . 5.56 -24.66 11.04
ZN ZN E . -5.49 46.49 4.57
ZN ZN F . -0.28 44.14 -6.09
ZN ZN G . 6.30 19.14 -1.05
ZN ZN H . 6.92 8.73 -13.23
ZN ZN I . -7.18 -18.73 2.71
ZN ZN J . 3.15 -30.17 -2.61
ZN ZN K . -4.41 -39.37 0.76
ZN ZN L . 17.33 -19.67 4.97
S SO4 M . -1.68 -32.07 -9.36
O1 SO4 M . -3.10 -32.31 -9.56
O2 SO4 M . -1.49 -30.91 -8.49
O3 SO4 M . -1.04 -31.81 -10.65
O4 SO4 M . -1.07 -33.25 -8.75
S SO4 N . 6.24 -30.61 5.97
O1 SO4 N . 6.79 -29.73 4.95
O2 SO4 N . 6.78 -30.27 7.27
O3 SO4 N . 6.59 -32.00 5.65
O4 SO4 N . 4.79 -30.48 5.99
CL CL O . -1.97 13.17 -6.07
S SO4 P . 15.16 12.27 1.80
O1 SO4 P . 14.24 13.32 1.38
O2 SO4 P . 15.06 12.10 3.24
O3 SO4 P . 14.79 11.01 1.14
O4 SO4 P . 16.52 12.63 1.45
S SO4 Q . 7.13 -1.80 -0.52
O1 SO4 Q . 5.70 -1.71 -0.82
O2 SO4 Q . 7.48 -0.87 0.53
O3 SO4 Q . 7.90 -1.48 -1.73
O4 SO4 Q . 7.45 -3.16 -0.10
#